data_5RBV
#
_entry.id   5RBV
#
_cell.length_a   45.231
_cell.length_b   72.966
_cell.length_c   52.337
_cell.angle_alpha   90.000
_cell.angle_beta   109.170
_cell.angle_gamma   90.000
#
_symmetry.space_group_name_H-M   'P 1 21 1'
#
loop_
_entity.id
_entity.type
_entity.pdbx_description
1 polymer Endothiapepsin
2 non-polymer 'methyl 4-fluoro-L-phenylalaninate'
3 non-polymer 'DIMETHYL SULFOXIDE'
4 non-polymer GLYCEROL
5 non-polymer 'ACETATE ION'
6 non-polymer 'TETRAETHYLENE GLYCOL'
7 water water
#
_entity_poly.entity_id   1
_entity_poly.type   'polypeptide(L)'
_entity_poly.pdbx_seq_one_letter_code
;MSSPLKNALVTAMLAGGALSSPTKQHVGIPVNASPEVGPGKYSFKQVRNPNYKFNGPLSVKKTYLKYGVPIPAWLEDAVQ
NSTSGLAERSTGSATTTPIDSLDDAYITPVQIGTPAQTLNLDFDTGSSDLWVFSSETTASEVDGQTIYTPSKSTTAKLLS
GATWSISYGDGSSSSGDVYTDTVSVGGLTVTGQAVESAKKVSSSFTEDSTIDGLLGLAFSTLNTVSPTQQKTFFDNAKAS
LDSPVFTADLGYHAPGTYNFGFIDTTAYTGSITYTAVSTKQGFWEWTSTGYAVGSGTFKSTSIDGIADTGTTLLYLPATV
VSAYWAQVSGAKSSSSVGGYVFPCSATLPSFTFGVGSARIVIPGDYIDFGPISTGSSSCFGGIQSSAGIGINIFGDVALK
AAFVVFNGATTPTLGFASK
;
_entity_poly.pdbx_strand_id   A
#
# COMPACT_ATOMS: atom_id res chain seq x y z
N SER A 90 13.61 19.61 -7.09
N SER A 90 13.51 19.69 -7.06
CA SER A 90 13.44 18.41 -7.91
CA SER A 90 13.26 18.66 -8.09
C SER A 90 11.98 17.94 -7.80
C SER A 90 11.86 18.11 -7.90
N THR A 91 11.49 17.28 -8.85
CA THR A 91 10.19 16.59 -8.82
C THR A 91 10.37 15.22 -9.47
N GLY A 92 9.39 14.36 -9.28
CA GLY A 92 9.25 13.13 -10.07
C GLY A 92 7.81 12.85 -10.38
N SER A 93 7.56 12.12 -11.44
CA SER A 93 6.19 11.78 -11.86
C SER A 93 6.22 10.41 -12.49
N ALA A 94 5.50 9.45 -11.98
CA ALA A 94 5.51 8.08 -12.51
C ALA A 94 4.08 7.59 -12.64
N THR A 95 3.82 6.86 -13.69
CA THR A 95 2.52 6.20 -13.87
C THR A 95 2.44 4.95 -13.06
N THR A 96 1.29 4.74 -12.42
CA THR A 96 0.98 3.52 -11.65
C THR A 96 -0.14 2.76 -12.35
N THR A 97 -0.03 1.46 -12.43
CA THR A 97 -0.87 0.65 -13.33
C THR A 97 -1.48 -0.46 -12.51
N PRO A 98 -2.81 -0.69 -12.51
N PRO A 98 -2.76 -0.76 -12.69
N PRO A 98 -2.80 -0.69 -12.52
N PRO A 98 -2.78 -0.73 -12.65
CA PRO A 98 -3.37 -1.83 -11.82
CA PRO A 98 -3.35 -1.89 -12.01
CA PRO A 98 -3.39 -1.83 -11.83
CA PRO A 98 -3.40 -1.86 -11.96
C PRO A 98 -2.77 -3.14 -12.34
C PRO A 98 -2.67 -3.22 -12.38
C PRO A 98 -2.79 -3.14 -12.35
C PRO A 98 -2.74 -3.17 -12.39
N ILE A 99 -2.58 -4.08 -11.44
N ILE A 99 -2.58 -4.11 -11.42
N ILE A 99 -2.54 -4.06 -11.43
N ILE A 99 -2.54 -4.08 -11.44
CA ILE A 99 -1.94 -5.38 -11.77
CA ILE A 99 -1.93 -5.41 -11.72
CA ILE A 99 -1.91 -5.38 -11.77
CA ILE A 99 -1.92 -5.41 -11.72
C ILE A 99 -2.92 -6.35 -12.39
C ILE A 99 -2.92 -6.36 -12.37
C ILE A 99 -2.91 -6.24 -12.54
C ILE A 99 -2.91 -6.29 -12.49
N ASP A 100 -4.22 -6.08 -12.31
CA ASP A 100 -5.23 -6.99 -12.84
C ASP A 100 -6.51 -6.23 -13.05
N SER A 101 -7.53 -6.94 -13.53
CA SER A 101 -8.80 -6.31 -13.93
C SER A 101 -9.64 -5.86 -12.73
N LEU A 102 -9.22 -6.16 -11.53
CA LEU A 102 -9.98 -5.81 -10.31
C LEU A 102 -9.34 -4.62 -9.61
N ASP A 103 -8.19 -4.13 -10.05
CA ASP A 103 -7.43 -3.13 -9.28
C ASP A 103 -7.01 -3.72 -7.95
N ASP A 104 -6.54 -4.95 -7.92
CA ASP A 104 -6.13 -5.54 -6.64
C ASP A 104 -4.95 -4.82 -6.03
N ALA A 105 -4.11 -4.26 -6.87
N ALA A 105 -4.11 -4.26 -6.87
N ALA A 105 -4.09 -4.27 -6.87
N ALA A 105 -4.06 -4.31 -6.87
CA ALA A 105 -2.96 -3.45 -6.44
CA ALA A 105 -2.95 -3.45 -6.44
CA ALA A 105 -2.94 -3.46 -6.45
CA ALA A 105 -2.91 -3.50 -6.46
C ALA A 105 -2.48 -2.70 -7.67
C ALA A 105 -2.48 -2.70 -7.67
C ALA A 105 -2.48 -2.70 -7.67
C ALA A 105 -2.47 -2.71 -7.68
N TYR A 106 -1.55 -1.78 -7.46
CA TYR A 106 -0.97 -0.96 -8.51
C TYR A 106 0.54 -1.07 -8.46
N ILE A 107 1.12 -1.14 -9.62
CA ILE A 107 2.59 -1.20 -9.74
C ILE A 107 3.15 0.00 -10.46
N THR A 108 4.30 0.45 -10.03
CA THR A 108 4.97 1.64 -10.51
C THR A 108 6.40 1.29 -10.84
N PRO A 109 6.92 1.62 -12.02
CA PRO A 109 8.29 1.25 -12.33
C PRO A 109 9.25 2.12 -11.52
N VAL A 110 10.31 1.47 -11.04
CA VAL A 110 11.35 2.09 -10.20
C VAL A 110 12.70 1.65 -10.73
N GLN A 111 13.59 2.62 -10.95
CA GLN A 111 14.96 2.33 -11.41
C GLN A 111 15.86 2.15 -10.21
N ILE A 112 16.57 1.05 -10.14
CA ILE A 112 17.48 0.77 -9.02
C ILE A 112 18.86 0.45 -9.59
N GLY A 113 19.88 1.10 -9.10
CA GLY A 113 21.23 0.68 -9.44
C GLY A 113 21.76 1.36 -10.66
N THR A 114 23.02 1.00 -10.99
CA THR A 114 23.74 1.58 -12.14
C THR A 114 24.48 0.48 -12.87
N PRO A 115 24.18 0.17 -14.14
CA PRO A 115 23.06 0.72 -14.91
C PRO A 115 21.75 0.34 -14.23
N ALA A 116 20.72 1.09 -14.61
CA ALA A 116 19.40 0.94 -13.99
C ALA A 116 18.88 -0.47 -14.18
N GLN A 117 18.27 -0.95 -13.11
CA GLN A 117 17.47 -2.18 -13.12
C GLN A 117 16.05 -1.73 -12.80
N THR A 118 15.11 -1.92 -13.71
CA THR A 118 13.75 -1.42 -13.50
C THR A 118 12.91 -2.54 -12.92
N LEU A 119 12.36 -2.30 -11.74
CA LEU A 119 11.46 -3.21 -11.05
C LEU A 119 10.11 -2.54 -10.87
N ASN A 120 9.06 -3.32 -10.90
CA ASN A 120 7.71 -2.77 -10.72
C ASN A 120 7.26 -2.97 -9.28
N LEU A 121 7.21 -1.87 -8.53
CA LEU A 121 6.98 -1.93 -7.09
C LEU A 121 5.61 -1.45 -6.75
N ASP A 122 5.10 -1.99 -5.65
N ASP A 122 5.10 -1.99 -5.65
N ASP A 122 5.09 -2.00 -5.65
N ASP A 122 5.08 -2.01 -5.66
CA ASP A 122 3.81 -1.59 -5.08
CA ASP A 122 3.81 -1.59 -5.08
CA ASP A 122 3.78 -1.61 -5.07
CA ASP A 122 3.77 -1.63 -5.07
C ASP A 122 4.07 -0.47 -4.09
C ASP A 122 4.07 -0.47 -4.09
C ASP A 122 4.01 -0.48 -4.07
C ASP A 122 4.02 -0.49 -4.07
N PHE A 123 3.67 0.74 -4.44
CA PHE A 123 3.87 1.90 -3.56
C PHE A 123 2.84 1.81 -2.44
N ASP A 124 3.32 1.83 -1.21
N ASP A 124 3.32 1.83 -1.21
N ASP A 124 3.31 1.80 -1.19
N ASP A 124 3.32 1.79 -1.19
CA ASP A 124 2.50 1.46 -0.06
CA ASP A 124 2.50 1.46 -0.06
CA ASP A 124 2.50 1.36 -0.04
CA ASP A 124 2.52 1.36 -0.02
C ASP A 124 2.61 2.55 0.99
C ASP A 124 2.61 2.55 0.99
C ASP A 124 2.58 2.45 1.04
C ASP A 124 2.58 2.46 1.05
N THR A 125 1.60 3.38 1.09
CA THR A 125 1.55 4.43 2.11
C THR A 125 1.25 3.88 3.50
N GLY A 126 1.12 2.57 3.63
N GLY A 126 1.12 2.57 3.63
N GLY A 126 0.98 2.58 3.61
N GLY A 126 1.00 2.57 3.61
CA GLY A 126 0.91 1.90 4.92
CA GLY A 126 0.91 1.90 4.92
CA GLY A 126 0.78 1.88 4.90
CA GLY A 126 0.75 1.89 4.89
C GLY A 126 2.13 1.17 5.46
C GLY A 126 2.13 1.17 5.46
C GLY A 126 2.00 1.09 5.33
C GLY A 126 1.97 1.10 5.35
N SER A 127 3.28 1.22 4.79
N SER A 127 3.28 1.22 4.79
N SER A 127 3.16 1.47 4.83
N SER A 127 3.15 1.46 4.87
CA SER A 127 4.51 0.59 5.33
CA SER A 127 4.51 0.59 5.33
CA SER A 127 4.39 0.88 5.40
CA SER A 127 4.40 0.85 5.38
C SER A 127 5.70 1.42 4.93
C SER A 127 5.70 1.42 4.93
C SER A 127 5.57 1.70 4.95
C SER A 127 5.58 1.72 4.94
N SER A 128 6.88 1.04 5.39
N SER A 128 6.89 1.04 5.40
N SER A 128 6.73 1.37 5.48
N SER A 128 6.77 1.41 5.45
CA SER A 128 8.05 1.96 5.37
CA SER A 128 8.05 1.96 5.37
CA SER A 128 7.87 2.30 5.34
CA SER A 128 7.93 2.31 5.31
C SER A 128 9.34 1.28 4.94
C SER A 128 9.34 1.28 4.94
C SER A 128 9.15 1.55 4.97
C SER A 128 9.19 1.55 4.95
N ASP A 129 9.20 0.14 4.27
N ASP A 129 9.20 0.14 4.28
N ASP A 129 9.04 0.43 4.27
N ASP A 129 9.06 0.42 4.25
CA ASP A 129 10.35 -0.61 3.75
CA ASP A 129 10.36 -0.62 3.76
CA ASP A 129 10.21 -0.34 3.78
CA ASP A 129 10.21 -0.40 3.78
C ASP A 129 10.30 -0.56 2.23
C ASP A 129 10.30 -0.56 2.23
C ASP A 129 10.15 -0.46 2.26
C ASP A 129 10.17 -0.53 2.26
N LEU A 130 11.45 -0.39 1.62
N LEU A 130 11.45 -0.39 1.62
N LEU A 130 11.24 -0.12 1.60
N LEU A 130 11.24 -0.11 1.58
CA LEU A 130 11.60 -0.51 0.16
CA LEU A 130 11.60 -0.51 0.16
CA LEU A 130 11.49 -0.45 0.17
CA LEU A 130 11.49 -0.46 0.16
C LEU A 130 12.31 -1.84 -0.03
C LEU A 130 12.31 -1.84 -0.03
C LEU A 130 12.18 -1.80 0.16
C LEU A 130 12.21 -1.79 0.15
N TRP A 131 11.55 -2.86 -0.38
N TRP A 131 11.55 -2.86 -0.38
N TRP A 131 11.52 -2.86 -0.27
N TRP A 131 11.53 -2.87 -0.26
CA TRP A 131 12.15 -4.19 -0.48
CA TRP A 131 12.15 -4.19 -0.48
CA TRP A 131 12.17 -4.19 -0.44
CA TRP A 131 12.16 -4.21 -0.42
C TRP A 131 11.87 -4.76 -1.86
C TRP A 131 11.87 -4.76 -1.86
C TRP A 131 11.84 -4.77 -1.80
C TRP A 131 11.83 -4.78 -1.79
N VAL A 132 12.76 -5.61 -2.29
CA VAL A 132 12.69 -6.15 -3.66
C VAL A 132 13.02 -7.60 -3.68
N PHE A 133 12.39 -8.31 -4.57
CA PHE A 133 12.88 -9.62 -5.07
C PHE A 133 14.27 -9.37 -5.61
N SER A 134 15.16 -10.34 -5.36
CA SER A 134 16.57 -10.15 -5.67
C SER A 134 17.24 -11.47 -6.08
N SER A 135 18.50 -11.31 -6.46
CA SER A 135 19.40 -12.47 -6.70
C SER A 135 19.60 -13.26 -5.42
N GLU A 136 19.25 -12.75 -4.26
CA GLU A 136 19.41 -13.43 -2.96
C GLU A 136 18.14 -14.17 -2.60
N THR A 137 17.02 -13.94 -3.29
CA THR A 137 15.74 -14.56 -2.86
C THR A 137 15.81 -16.07 -3.13
N THR A 138 15.46 -16.83 -2.12
CA THR A 138 15.32 -18.31 -2.25
C THR A 138 14.72 -18.66 -3.59
N ALA A 139 15.40 -19.45 -4.40
CA ALA A 139 15.02 -19.66 -5.80
C ALA A 139 13.59 -20.19 -5.92
N SER A 140 13.18 -21.13 -5.06
CA SER A 140 11.82 -21.73 -5.08
C SER A 140 10.71 -20.71 -4.77
N GLU A 141 11.06 -19.53 -4.24
CA GLU A 141 10.13 -18.46 -3.86
C GLU A 141 10.05 -17.40 -4.93
N VAL A 142 10.75 -17.55 -6.03
CA VAL A 142 10.68 -16.60 -7.17
C VAL A 142 9.90 -17.33 -8.27
N ASP A 143 8.87 -16.71 -8.81
CA ASP A 143 8.09 -17.25 -9.94
C ASP A 143 7.59 -16.12 -10.84
N GLY A 144 8.47 -15.62 -11.65
CA GLY A 144 8.13 -14.65 -12.70
C GLY A 144 8.48 -13.21 -12.37
N GLN A 145 8.89 -12.94 -11.13
N GLN A 145 8.89 -12.94 -11.13
N GLN A 145 8.72 -12.89 -11.10
N GLN A 145 8.77 -12.90 -11.11
CA GLN A 145 9.25 -11.57 -10.74
CA GLN A 145 9.24 -11.56 -10.74
CA GLN A 145 9.08 -11.49 -10.72
CA GLN A 145 9.12 -11.51 -10.69
C GLN A 145 10.53 -11.15 -11.45
C GLN A 145 10.53 -11.15 -11.45
C GLN A 145 10.47 -11.14 -11.27
C GLN A 145 10.50 -11.13 -11.27
N THR A 146 10.68 -9.85 -11.62
CA THR A 146 11.97 -9.29 -12.00
C THR A 146 12.76 -9.11 -10.70
N ILE A 147 14.02 -9.46 -10.72
CA ILE A 147 14.89 -9.40 -9.52
C ILE A 147 15.91 -8.29 -9.66
N TYR A 148 16.24 -7.70 -8.52
CA TYR A 148 17.39 -6.81 -8.37
C TYR A 148 18.64 -7.67 -8.09
N THR A 149 19.69 -7.41 -8.83
CA THR A 149 21.00 -8.12 -8.64
C THR A 149 22.02 -7.07 -8.24
N PRO A 150 22.29 -6.91 -6.93
CA PRO A 150 23.21 -5.87 -6.50
C PRO A 150 24.62 -6.02 -7.10
N SER A 151 25.05 -7.24 -7.35
CA SER A 151 26.42 -7.45 -7.86
C SER A 151 26.56 -6.88 -9.26
N LYS A 152 25.49 -6.57 -9.98
CA LYS A 152 25.50 -5.97 -11.34
C LYS A 152 25.37 -4.45 -11.26
N SER A 153 25.28 -3.87 -10.06
CA SER A 153 25.16 -2.42 -9.89
C SER A 153 26.46 -1.86 -9.35
N THR A 154 27.02 -0.93 -10.08
CA THR A 154 28.30 -0.32 -9.70
C THR A 154 28.12 0.58 -8.50
N THR A 155 26.89 0.98 -8.17
CA THR A 155 26.63 1.89 -7.05
C THR A 155 26.07 1.15 -5.83
N ALA A 156 25.87 -0.15 -5.92
CA ALA A 156 25.34 -0.91 -4.77
C ALA A 156 26.43 -1.09 -3.72
N LYS A 157 26.06 -1.05 -2.46
N LYS A 157 26.08 -0.90 -2.45
N LYS A 157 26.06 -1.05 -2.46
N LYS A 157 26.09 -0.91 -2.45
CA LYS A 157 27.02 -1.34 -1.39
CA LYS A 157 26.97 -1.16 -1.29
CA LYS A 157 27.01 -1.32 -1.37
CA LYS A 157 26.98 -1.15 -1.29
C LYS A 157 26.25 -1.96 -0.24
C LYS A 157 26.20 -2.03 -0.30
C LYS A 157 26.24 -1.97 -0.23
C LYS A 157 26.20 -2.02 -0.29
N LEU A 158 26.76 -3.11 0.20
CA LEU A 158 26.13 -3.84 1.30
C LEU A 158 26.06 -2.87 2.48
N LEU A 159 24.94 -2.82 3.14
CA LEU A 159 24.81 -2.08 4.43
C LEU A 159 25.12 -3.14 5.49
N SER A 160 26.38 -3.15 5.91
N SER A 160 26.36 -3.11 5.96
N SER A 160 26.38 -3.15 5.91
N SER A 160 26.36 -3.11 5.96
CA SER A 160 26.94 -4.28 6.66
CA SER A 160 26.98 -4.18 6.76
CA SER A 160 26.92 -4.31 6.65
CA SER A 160 26.98 -4.20 6.75
C SER A 160 26.22 -4.47 7.99
C SER A 160 26.19 -4.44 8.04
C SER A 160 26.22 -4.47 7.98
C SER A 160 26.21 -4.44 8.03
N GLY A 161 25.75 -5.69 8.23
CA GLY A 161 25.06 -6.07 9.46
C GLY A 161 23.60 -5.80 9.48
N ALA A 162 23.08 -5.09 8.48
CA ALA A 162 21.66 -4.69 8.54
C ALA A 162 20.77 -5.83 8.04
N THR A 163 19.70 -6.08 8.75
CA THR A 163 18.67 -7.04 8.31
C THR A 163 17.33 -6.39 8.45
N TRP A 164 16.39 -7.04 7.77
N TRP A 164 16.39 -7.04 7.77
N TRP A 164 16.28 -7.03 7.93
N TRP A 164 16.29 -7.02 7.90
CA TRP A 164 14.99 -6.58 7.79
CA TRP A 164 15.00 -6.57 7.80
CA TRP A 164 14.91 -6.47 8.08
CA TRP A 164 14.91 -6.47 8.04
C TRP A 164 14.07 -7.79 7.77
C TRP A 164 14.07 -7.79 7.77
C TRP A 164 13.90 -7.60 8.08
C TRP A 164 13.91 -7.62 8.06
N SER A 165 12.90 -7.59 8.33
N SER A 165 12.90 -7.59 8.33
N SER A 165 12.71 -7.31 8.57
N SER A 165 12.73 -7.35 8.59
CA SER A 165 11.85 -8.63 8.39
CA SER A 165 11.85 -8.64 8.39
CA SER A 165 11.65 -8.32 8.69
CA SER A 165 11.67 -8.36 8.75
C SER A 165 10.54 -7.94 8.63
C SER A 165 10.54 -7.94 8.63
C SER A 165 10.33 -7.60 8.86
C SER A 165 10.34 -7.63 8.93
N ILE A 166 9.56 -8.19 7.78
N ILE A 166 9.56 -8.19 7.78
N ILE A 166 9.43 -7.90 7.95
N ILE A 166 9.42 -7.90 8.01
CA ILE A 166 8.30 -7.44 7.86
CA ILE A 166 8.30 -7.44 7.86
CA ILE A 166 8.10 -7.25 7.96
CA ILE A 166 8.10 -7.24 7.99
C ILE A 166 7.12 -8.39 7.77
C ILE A 166 7.12 -8.39 7.77
C ILE A 166 7.05 -8.29 7.63
C ILE A 166 7.03 -8.28 7.68
N SER A 167 6.05 -8.04 8.47
N SER A 167 6.05 -8.03 8.48
N SER A 167 5.93 -8.12 8.27
N SER A 167 5.90 -8.15 8.36
CA SER A 167 4.79 -8.79 8.51
CA SER A 167 4.77 -8.78 8.53
CA SER A 167 4.71 -8.87 7.94
CA SER A 167 4.66 -8.89 8.05
C SER A 167 3.65 -7.80 8.30
C SER A 167 3.65 -7.78 8.29
C SER A 167 3.61 -7.86 7.68
C SER A 167 3.58 -7.88 7.69
N TYR A 168 2.85 -8.01 7.26
N TYR A 168 2.84 -8.00 7.25
N TYR A 168 2.65 -8.24 6.84
N TYR A 168 2.64 -8.28 6.83
CA TYR A 168 1.77 -7.06 6.86
CA TYR A 168 1.77 -7.07 6.85
CA TYR A 168 1.57 -7.39 6.34
CA TYR A 168 1.58 -7.41 6.31
C TYR A 168 0.43 -7.50 7.47
C TYR A 168 0.43 -7.49 7.46
C TYR A 168 0.24 -7.94 6.83
C TYR A 168 0.22 -7.92 6.79
N GLY A 169 -0.55 -6.60 7.37
N GLY A 169 -0.56 -6.61 7.36
N GLY A 169 -0.80 -7.15 6.61
N GLY A 169 -0.81 -7.10 6.59
CA GLY A 169 -1.89 -6.81 7.96
CA GLY A 169 -1.90 -6.80 7.94
CA GLY A 169 -2.14 -7.35 7.19
CA GLY A 169 -2.15 -7.25 7.20
C GLY A 169 -2.57 -8.08 7.47
C GLY A 169 -2.59 -8.07 7.45
C GLY A 169 -2.77 -8.65 6.71
C GLY A 169 -2.88 -8.48 6.68
N ASP A 170 -2.29 -8.50 6.24
N ASP A 170 -2.29 -8.51 6.22
N ASP A 170 -2.30 -9.22 5.60
N ASP A 170 -2.27 -9.21 5.73
CA ASP A 170 -2.95 -9.67 5.58
CA ASP A 170 -2.96 -9.68 5.59
CA ASP A 170 -2.85 -10.45 4.97
CA ASP A 170 -2.87 -10.43 5.11
C ASP A 170 -2.23 -10.97 5.96
C ASP A 170 -2.23 -10.97 5.96
C ASP A 170 -2.06 -11.68 5.40
C ASP A 170 -2.07 -11.67 5.51
N GLY A 171 -1.18 -10.88 6.79
N GLY A 171 -1.18 -10.88 6.79
N GLY A 171 -1.12 -11.52 6.34
N GLY A 171 -1.12 -11.52 6.44
CA GLY A 171 -0.40 -12.05 7.21
CA GLY A 171 -0.38 -12.04 7.22
CA GLY A 171 -0.28 -12.62 6.85
CA GLY A 171 -0.27 -12.62 6.93
C GLY A 171 0.75 -12.41 6.28
C GLY A 171 0.75 -12.41 6.28
C GLY A 171 0.94 -12.85 5.98
C GLY A 171 1.06 -12.68 6.18
N SER A 172 0.98 -11.63 5.21
N SER A 172 0.98 -11.64 5.22
N SER A 172 1.13 -12.09 4.89
N SER A 172 1.09 -12.22 4.93
CA SER A 172 2.14 -11.84 4.32
CA SER A 172 2.13 -11.83 4.32
CA SER A 172 2.30 -12.27 3.99
CA SER A 172 2.28 -12.31 4.03
C SER A 172 3.39 -11.31 5.02
C SER A 172 3.39 -11.29 5.01
C SER A 172 3.53 -11.65 4.66
C SER A 172 3.48 -11.65 4.71
N SER A 173 4.55 -11.67 4.48
N SER A 173 4.55 -11.67 4.48
N SER A 173 4.71 -12.17 4.35
N SER A 173 4.67 -12.20 4.49
CA SER A 173 5.85 -11.34 5.11
CA SER A 173 5.85 -11.33 5.11
CA SER A 173 5.92 -11.75 5.06
CA SER A 173 5.91 -11.78 5.18
C SER A 173 7.00 -11.53 4.13
C SER A 173 7.00 -11.53 4.13
C SER A 173 7.08 -11.72 4.10
C SER A 173 7.06 -11.71 4.20
N SER A 174 8.16 -10.95 4.46
N SER A 174 8.15 -10.95 4.46
N SER A 174 8.03 -10.92 4.53
N SER A 174 8.04 -10.91 4.55
CA SER A 174 9.40 -11.13 3.69
CA SER A 174 9.40 -11.13 3.69
CA SER A 174 9.32 -10.84 3.85
CA SER A 174 9.33 -10.84 3.83
C SER A 174 10.56 -10.68 4.58
C SER A 174 10.56 -10.68 4.58
C SER A 174 10.38 -10.39 4.85
C SER A 174 10.42 -10.40 4.81
N SER A 175 11.76 -11.10 4.25
N SER A 175 11.76 -11.10 4.25
N SER A 175 11.61 -10.78 4.51
N SER A 175 11.64 -10.82 4.50
CA SER A 175 12.91 -10.72 5.09
CA SER A 175 12.91 -10.72 5.09
CA SER A 175 12.81 -10.49 5.32
CA SER A 175 12.85 -10.52 5.30
C SER A 175 14.20 -10.76 4.29
C SER A 175 14.20 -10.76 4.29
C SER A 175 14.07 -10.72 4.46
C SER A 175 14.10 -10.74 4.45
N GLY A 176 15.22 -10.11 4.83
CA GLY A 176 16.49 -10.25 4.15
C GLY A 176 17.54 -9.36 4.71
N ASP A 177 18.42 -8.95 3.81
CA ASP A 177 19.56 -8.03 4.11
C ASP A 177 19.41 -6.75 3.33
N VAL A 178 20.38 -5.87 3.36
CA VAL A 178 20.16 -4.49 2.90
C VAL A 178 21.35 -4.03 2.12
N TYR A 179 21.11 -3.35 1.02
CA TYR A 179 22.12 -2.61 0.23
C TYR A 179 21.72 -1.16 0.22
N THR A 180 22.66 -0.28 0.04
CA THR A 180 22.32 1.07 -0.38
C THR A 180 22.57 1.17 -1.86
N ASP A 181 21.76 1.94 -2.58
CA ASP A 181 21.96 2.09 -4.03
C ASP A 181 21.19 3.35 -4.45
N THR A 182 21.37 3.70 -5.70
CA THR A 182 20.67 4.83 -6.31
C THR A 182 19.29 4.38 -6.76
N VAL A 183 18.25 5.08 -6.39
CA VAL A 183 16.85 4.71 -6.72
C VAL A 183 16.21 5.93 -7.35
N SER A 184 15.59 5.72 -8.51
CA SER A 184 14.88 6.81 -9.20
C SER A 184 13.43 6.42 -9.43
N VAL A 185 12.55 7.36 -9.23
CA VAL A 185 11.09 7.22 -9.48
C VAL A 185 10.69 8.36 -10.35
N GLY A 186 10.27 8.07 -11.56
CA GLY A 186 9.68 9.13 -12.38
C GLY A 186 10.63 10.29 -12.60
N GLY A 187 11.93 10.04 -12.69
CA GLY A 187 12.93 11.09 -12.91
C GLY A 187 13.49 11.69 -11.63
N LEU A 188 12.97 11.37 -10.47
CA LEU A 188 13.50 11.84 -9.18
C LEU A 188 14.45 10.82 -8.62
N THR A 189 15.69 11.23 -8.36
CA THR A 189 16.75 10.28 -7.95
C THR A 189 17.16 10.53 -6.51
N VAL A 190 17.28 9.47 -5.76
CA VAL A 190 17.84 9.44 -4.41
C VAL A 190 19.09 8.57 -4.44
N THR A 191 20.20 9.11 -3.97
CA THR A 191 21.40 8.29 -3.78
C THR A 191 21.42 7.77 -2.34
N GLY A 192 22.02 6.63 -2.16
CA GLY A 192 22.16 6.05 -0.83
C GLY A 192 20.85 5.55 -0.25
N GLN A 193 19.87 5.22 -1.05
CA GLN A 193 18.61 4.68 -0.56
C GLN A 193 18.83 3.26 -0.05
N ALA A 194 18.27 2.91 1.09
CA ALA A 194 18.25 1.52 1.54
C ALA A 194 17.34 0.70 0.65
N VAL A 195 17.87 -0.28 0.01
CA VAL A 195 17.16 -1.24 -0.83
C VAL A 195 17.24 -2.56 -0.10
N GLU A 196 16.13 -3.03 0.41
CA GLU A 196 16.06 -4.21 1.28
C GLU A 196 15.90 -5.38 0.35
N SER A 197 16.87 -6.23 0.26
CA SER A 197 16.93 -7.39 -0.62
C SER A 197 16.31 -8.58 0.06
N ALA A 198 15.30 -9.19 -0.54
N ALA A 198 15.30 -9.19 -0.54
N ALA A 198 15.24 -9.17 -0.48
N ALA A 198 15.26 -9.17 -0.49
CA ALA A 198 14.61 -10.35 0.06
CA ALA A 198 14.61 -10.35 0.06
CA ALA A 198 14.54 -10.29 0.20
CA ALA A 198 14.53 -10.29 0.16
C ALA A 198 15.50 -11.58 -0.05
C ALA A 198 15.50 -11.58 -0.04
C ALA A 198 15.29 -11.60 -0.01
C ALA A 198 15.31 -11.60 -0.02
N LYS A 199 15.64 -12.25 1.10
CA LYS A 199 16.11 -13.64 1.09
C LYS A 199 14.91 -14.58 1.12
N LYS A 200 13.86 -14.18 1.83
N LYS A 200 13.87 -14.19 1.84
N LYS A 200 13.77 -14.17 1.70
N LYS A 200 13.79 -14.17 1.73
CA LYS A 200 12.66 -15.01 2.02
CA LYS A 200 12.66 -15.01 2.03
CA LYS A 200 12.55 -15.02 1.81
CA LYS A 200 12.56 -15.01 1.85
C LYS A 200 11.50 -14.13 1.60
C LYS A 200 11.50 -14.13 1.60
C LYS A 200 11.28 -14.14 1.81
C LYS A 200 11.31 -14.12 1.80
N VAL A 201 10.58 -14.72 0.85
N VAL A 201 10.58 -14.72 0.85
N VAL A 201 10.20 -14.66 1.22
N VAL A 201 10.25 -14.62 1.18
CA VAL A 201 9.25 -14.12 0.71
CA VAL A 201 9.24 -14.11 0.70
CA VAL A 201 8.90 -13.96 1.11
CA VAL A 201 8.92 -13.94 1.10
C VAL A 201 8.21 -15.21 0.97
C VAL A 201 8.20 -15.21 0.97
C VAL A 201 7.80 -14.99 1.37
C VAL A 201 7.84 -14.99 1.36
N SER A 202 7.05 -14.80 1.49
N SER A 202 7.05 -14.80 1.49
N SER A 202 6.64 -14.55 1.86
N SER A 202 6.67 -14.56 1.80
CA SER A 202 5.93 -15.75 1.75
CA SER A 202 5.93 -15.75 1.75
CA SER A 202 5.47 -15.45 2.02
CA SER A 202 5.50 -15.45 2.00
C SER A 202 5.19 -16.05 0.47
C SER A 202 5.19 -16.05 0.47
C SER A 202 4.92 -15.85 0.64
C SER A 202 4.92 -15.85 0.64
N SER A 203 4.30 -17.03 0.57
CA SER A 203 3.63 -17.58 -0.60
C SER A 203 2.85 -16.56 -1.43
N SER A 204 2.16 -15.64 -0.78
N SER A 204 2.15 -15.64 -0.77
N SER A 204 2.16 -15.60 -0.83
N SER A 204 2.19 -15.60 -0.80
CA SER A 204 1.31 -14.64 -1.47
CA SER A 204 1.31 -14.64 -1.47
CA SER A 204 1.31 -14.68 -1.62
CA SER A 204 1.34 -14.60 -1.50
C SER A 204 2.21 -13.81 -2.39
C SER A 204 2.20 -13.81 -2.39
C SER A 204 2.17 -13.73 -2.47
C SER A 204 2.18 -13.72 -2.43
N PHE A 205 3.37 -13.38 -1.90
N PHE A 205 3.37 -13.38 -1.90
N PHE A 205 3.51 -13.69 -2.26
N PHE A 205 3.51 -13.68 -2.25
CA PHE A 205 4.32 -12.63 -2.76
CA PHE A 205 4.32 -12.63 -2.76
CA PHE A 205 4.46 -12.92 -3.10
CA PHE A 205 4.45 -12.90 -3.08
C PHE A 205 4.74 -13.52 -3.92
C PHE A 205 4.74 -13.52 -3.92
C PHE A 205 4.99 -13.78 -4.24
C PHE A 205 4.98 -13.76 -4.23
N THR A 206 5.15 -14.76 -3.66
N THR A 206 5.15 -14.76 -3.66
N THR A 206 5.49 -14.98 -3.95
N THR A 206 5.50 -14.95 -3.94
CA THR A 206 5.60 -15.67 -4.74
CA THR A 206 5.60 -15.67 -4.74
CA THR A 206 6.03 -15.87 -5.01
CA THR A 206 6.01 -15.90 -4.97
C THR A 206 4.50 -15.80 -5.81
C THR A 206 4.50 -15.80 -5.81
C THR A 206 4.95 -16.05 -6.08
C THR A 206 4.94 -16.07 -6.04
N GLU A 207 3.25 -15.92 -5.36
N GLU A 207 3.26 -15.91 -5.36
N GLU A 207 3.71 -16.19 -5.61
N GLU A 207 3.69 -16.23 -5.59
CA GLU A 207 2.10 -16.24 -6.24
CA GLU A 207 2.11 -16.23 -6.24
CA GLU A 207 2.54 -16.56 -6.44
CA GLU A 207 2.54 -16.64 -6.42
C GLU A 207 1.67 -15.01 -7.04
C GLU A 207 1.67 -15.00 -7.04
C GLU A 207 2.07 -15.35 -7.26
C GLU A 207 2.02 -15.45 -7.24
N ASP A 208 2.24 -13.84 -6.76
N ASP A 208 2.23 -13.82 -6.76
N ASP A 208 2.44 -14.12 -6.91
N ASP A 208 2.53 -14.25 -7.01
CA ASP A 208 1.91 -12.61 -7.53
CA ASP A 208 1.91 -12.60 -7.51
CA ASP A 208 2.06 -12.95 -7.73
CA ASP A 208 2.11 -13.01 -7.73
C ASP A 208 3.11 -12.21 -8.40
C ASP A 208 3.09 -12.21 -8.39
C ASP A 208 3.29 -12.48 -8.48
C ASP A 208 3.32 -12.47 -8.49
N SER A 209 3.12 -12.66 -9.64
N SER A 209 3.12 -12.65 -9.63
N SER A 209 3.40 -12.85 -9.73
N SER A 209 3.43 -12.78 -9.78
CA SER A 209 4.28 -12.50 -10.55
CA SER A 209 4.28 -12.50 -10.55
CA SER A 209 4.54 -12.45 -10.59
CA SER A 209 4.61 -12.41 -10.60
C SER A 209 4.51 -11.02 -10.94
C SER A 209 4.50 -11.03 -10.94
C SER A 209 4.40 -10.99 -11.00
C SER A 209 4.49 -10.95 -11.06
N THR A 210 3.48 -10.19 -10.78
N THR A 210 3.48 -10.19 -10.78
N THR A 210 3.33 -10.28 -10.59
N THR A 210 3.41 -10.25 -10.67
CA THR A 210 3.50 -8.78 -11.27
CA THR A 210 3.49 -8.78 -11.26
CA THR A 210 3.09 -8.89 -11.08
CA THR A 210 3.13 -8.86 -11.14
C THR A 210 4.14 -7.84 -10.26
C THR A 210 4.15 -7.84 -10.27
C THR A 210 3.82 -7.86 -10.22
C THR A 210 3.82 -7.84 -10.23
N ILE A 211 4.29 -8.23 -9.01
N ILE A 211 4.29 -8.23 -9.01
N ILE A 211 4.21 -8.24 -9.01
N ILE A 211 4.21 -8.23 -9.02
CA ILE A 211 4.82 -7.29 -7.99
CA ILE A 211 4.82 -7.29 -7.99
CA ILE A 211 4.80 -7.34 -7.99
CA ILE A 211 4.80 -7.34 -7.98
C ILE A 211 6.24 -7.71 -7.62
C ILE A 211 6.24 -7.71 -7.62
C ILE A 211 6.25 -7.75 -7.74
C ILE A 211 6.25 -7.76 -7.73
N ASP A 212 7.20 -6.84 -7.95
CA ASP A 212 8.63 -7.14 -7.76
C ASP A 212 9.10 -6.67 -6.40
N GLY A 213 8.24 -6.09 -5.60
CA GLY A 213 8.58 -5.59 -4.27
C GLY A 213 7.68 -4.45 -3.91
N LEU A 214 8.04 -3.81 -2.80
N LEU A 214 8.04 -3.81 -2.80
N LEU A 214 7.87 -3.89 -2.71
N LEU A 214 7.90 -3.88 -2.72
CA LEU A 214 7.23 -2.75 -2.17
CA LEU A 214 7.23 -2.75 -2.17
CA LEU A 214 7.09 -2.72 -2.21
CA LEU A 214 7.10 -2.74 -2.19
C LEU A 214 8.08 -1.51 -2.05
C LEU A 214 8.08 -1.51 -2.05
C LEU A 214 8.01 -1.55 -1.97
C LEU A 214 8.02 -1.55 -1.97
N LEU A 215 7.47 -0.36 -2.14
CA LEU A 215 8.11 0.90 -1.83
C LEU A 215 7.27 1.58 -0.81
N GLY A 216 7.71 1.53 0.43
N GLY A 216 7.71 1.53 0.43
N GLY A 216 7.77 1.74 0.41
N GLY A 216 7.77 1.69 0.42
CA GLY A 216 6.95 2.07 1.57
CA GLY A 216 6.95 2.06 1.58
CA GLY A 216 6.95 2.27 1.50
CA GLY A 216 7.01 2.25 1.55
C GLY A 216 7.01 3.58 1.62
C GLY A 216 7.01 3.58 1.62
C GLY A 216 6.92 3.80 1.53
C GLY A 216 6.96 3.78 1.53
N LEU A 217 5.87 4.19 1.90
N LEU A 217 5.87 4.19 1.90
N LEU A 217 5.77 4.37 1.86
N LEU A 217 5.80 4.35 1.85
CA LEU A 217 5.71 5.65 1.95
CA LEU A 217 5.71 5.65 1.95
CA LEU A 217 5.56 5.83 1.84
CA LEU A 217 5.58 5.82 1.81
C LEU A 217 4.99 6.08 3.22
C LEU A 217 4.99 6.08 3.22
C LEU A 217 4.98 6.32 3.16
C LEU A 217 5.00 6.30 3.15
N ALA A 218 4.94 5.21 4.23
N ALA A 218 4.93 5.21 4.23
N ALA A 218 4.79 5.45 4.15
N ALA A 218 4.81 5.43 4.13
CA ALA A 218 4.51 5.63 5.57
CA ALA A 218 4.51 5.63 5.57
CA ALA A 218 4.45 5.88 5.51
CA ALA A 218 4.46 5.85 5.51
C ALA A 218 5.68 6.37 6.22
C ALA A 218 5.68 6.37 6.22
C ALA A 218 5.72 6.35 6.22
C ALA A 218 5.73 6.35 6.20
N PHE A 219 5.61 6.60 7.53
N PHE A 219 5.61 6.60 7.53
N PHE A 219 5.59 6.80 7.45
N PHE A 219 5.59 6.76 7.46
CA PHE A 219 6.68 7.39 8.20
CA PHE A 219 6.68 7.38 8.19
CA PHE A 219 6.68 7.46 8.19
CA PHE A 219 6.67 7.45 8.21
C PHE A 219 7.84 6.44 8.49
C PHE A 219 7.83 6.43 8.49
C PHE A 219 7.82 6.47 8.48
C PHE A 219 7.82 6.47 8.51
N SER A 220 9.05 6.98 8.48
N SER A 220 9.05 6.98 8.48
N SER A 220 9.03 7.03 8.47
N SER A 220 9.04 6.99 8.48
CA SER A 220 10.25 6.11 8.59
CA SER A 220 10.26 6.11 8.60
CA SER A 220 10.29 6.25 8.58
CA SER A 220 10.30 6.22 8.59
C SER A 220 10.36 5.45 9.97
C SER A 220 10.36 5.45 9.97
C SER A 220 10.38 5.52 9.94
C SER A 220 10.38 5.49 9.95
N THR A 221 9.64 5.96 10.96
CA THR A 221 9.56 5.27 12.26
C THR A 221 9.07 3.84 12.16
N LEU A 222 8.38 3.42 11.08
N LEU A 222 8.38 3.42 11.08
N LEU A 222 8.35 3.53 11.09
N LEU A 222 8.38 3.49 11.08
CA LEU A 222 7.97 1.99 10.91
CA LEU A 222 7.96 1.99 10.91
CA LEU A 222 7.82 2.17 10.91
CA LEU A 222 7.82 2.13 10.89
C LEU A 222 9.00 1.15 10.16
C LEU A 222 9.00 1.15 10.16
C LEU A 222 8.82 1.30 10.16
C LEU A 222 8.80 1.24 10.13
N ASN A 223 10.05 1.74 9.65
N ASN A 223 10.05 1.74 9.65
N ASN A 223 9.96 1.81 9.70
N ASN A 223 9.94 1.76 9.68
CA ASN A 223 11.01 0.96 8.86
CA ASN A 223 11.01 0.96 8.86
CA ASN A 223 10.92 0.99 8.93
CA ASN A 223 10.93 0.98 8.90
C ASN A 223 11.60 -0.15 9.74
C ASN A 223 11.60 -0.15 9.74
C ASN A 223 11.46 -0.17 9.79
C ASN A 223 11.47 -0.16 9.78
N THR A 224 11.67 -1.35 9.21
CA THR A 224 12.05 -2.53 10.01
C THR A 224 13.56 -2.79 10.00
N VAL A 225 14.37 -2.02 9.32
CA VAL A 225 15.81 -2.38 9.29
C VAL A 225 16.42 -2.25 10.68
N SER A 226 17.20 -3.26 11.02
CA SER A 226 17.92 -3.40 12.30
C SER A 226 19.38 -3.67 11.98
N PRO A 227 20.32 -3.12 12.79
CA PRO A 227 20.09 -2.33 13.99
C PRO A 227 19.94 -0.84 13.78
N THR A 228 20.07 -0.38 12.52
CA THR A 228 20.01 1.04 12.17
C THR A 228 18.80 1.24 11.27
N GLN A 229 17.77 1.84 11.79
CA GLN A 229 16.53 2.06 11.03
C GLN A 229 16.88 2.96 9.85
N GLN A 230 16.21 2.68 8.71
CA GLN A 230 16.44 3.41 7.47
C GLN A 230 15.27 4.30 7.09
N LYS A 231 15.57 5.29 6.27
CA LYS A 231 14.55 6.22 5.78
C LYS A 231 13.88 5.75 4.51
N THR A 232 12.62 6.15 4.38
N THR A 232 12.62 6.14 4.37
N THR A 232 12.61 6.13 4.37
N THR A 232 12.60 6.12 4.37
CA THR A 232 11.89 5.91 3.12
CA THR A 232 11.89 5.91 3.12
CA THR A 232 11.86 5.88 3.12
CA THR A 232 11.83 5.86 3.13
C THR A 232 12.48 6.72 1.95
C THR A 232 12.48 6.72 1.95
C THR A 232 12.41 6.75 1.98
C THR A 232 12.39 6.73 1.99
N PHE A 233 12.09 6.33 0.76
CA PHE A 233 12.45 7.08 -0.45
C PHE A 233 11.96 8.51 -0.32
N PHE A 234 10.74 8.72 0.16
CA PHE A 234 10.19 10.07 0.30
C PHE A 234 10.98 10.87 1.32
N ASP A 235 11.28 10.27 2.45
CA ASP A 235 12.03 11.01 3.48
C ASP A 235 13.41 11.36 2.94
N ASN A 236 14.09 10.50 2.23
CA ASN A 236 15.39 10.83 1.66
C ASN A 236 15.23 11.88 0.56
N ALA A 237 14.19 11.88 -0.24
CA ALA A 237 14.02 12.86 -1.32
C ALA A 237 13.60 14.23 -0.84
N LYS A 238 13.16 14.38 0.37
N LYS A 238 12.93 14.30 0.29
CA LYS A 238 12.76 15.73 0.81
CA LYS A 238 12.09 15.46 0.76
C LYS A 238 13.89 16.76 0.66
C LYS A 238 12.86 16.77 0.65
N ALA A 239 15.13 16.32 0.82
N ALA A 239 14.07 16.83 1.18
CA ALA A 239 16.33 17.19 0.81
CA ALA A 239 14.74 18.14 1.29
C ALA A 239 16.44 17.86 -0.57
C ALA A 239 15.03 18.67 -0.11
N SER A 240 15.56 17.51 -1.52
N SER A 240 15.14 17.80 -1.07
CA SER A 240 15.64 17.92 -2.95
CA SER A 240 15.49 18.16 -2.47
C SER A 240 14.28 18.33 -3.53
C SER A 240 14.26 18.61 -3.26
N LEU A 241 13.11 18.12 -2.86
CA LEU A 241 11.84 18.37 -3.59
C LEU A 241 11.46 19.83 -3.63
N ASP A 242 10.79 20.22 -4.66
CA ASP A 242 10.31 21.61 -4.73
C ASP A 242 9.35 21.92 -3.59
N SER A 243 8.54 20.95 -3.19
N SER A 243 8.48 20.96 -3.26
N SER A 243 8.53 20.95 -3.18
N SER A 243 8.48 20.96 -3.26
CA SER A 243 7.57 21.04 -2.07
CA SER A 243 7.58 21.01 -2.08
CA SER A 243 7.56 21.03 -2.08
CA SER A 243 7.58 21.01 -2.08
C SER A 243 7.61 19.67 -1.40
C SER A 243 7.59 19.65 -1.41
C SER A 243 7.60 19.67 -1.40
C SER A 243 7.59 19.65 -1.41
N PRO A 244 7.52 19.56 -0.07
CA PRO A 244 7.70 18.28 0.61
C PRO A 244 6.42 17.46 0.63
N VAL A 245 6.03 17.02 -0.56
CA VAL A 245 4.74 16.36 -0.78
C VAL A 245 4.91 15.24 -1.78
N PHE A 246 3.99 14.27 -1.73
CA PHE A 246 3.74 13.41 -2.87
C PHE A 246 2.23 13.26 -3.00
N THR A 247 1.78 12.91 -4.19
CA THR A 247 0.36 12.76 -4.43
C THR A 247 0.09 11.41 -5.07
N ALA A 248 -1.05 10.85 -4.70
CA ALA A 248 -1.57 9.59 -5.25
C ALA A 248 -2.82 9.89 -6.03
N ASP A 249 -2.84 9.47 -7.28
CA ASP A 249 -3.94 9.65 -8.20
C ASP A 249 -4.20 8.31 -8.83
N LEU A 250 -4.86 7.42 -8.11
CA LEU A 250 -5.07 6.04 -8.58
C LEU A 250 -6.25 6.00 -9.52
N GLY A 251 -6.14 5.19 -10.56
CA GLY A 251 -7.21 5.02 -11.53
C GLY A 251 -8.19 3.94 -11.16
N TYR A 252 -9.41 4.02 -11.60
CA TYR A 252 -10.39 2.94 -11.56
C TYR A 252 -10.29 2.18 -12.86
N HIS A 253 -9.81 0.97 -12.76
CA HIS A 253 -9.62 0.09 -13.91
C HIS A 253 -8.83 0.84 -14.97
N ALA A 254 -7.80 1.59 -14.58
CA ALA A 254 -7.04 2.43 -15.50
C ALA A 254 -5.77 2.85 -14.77
N PRO A 255 -4.74 3.24 -15.50
CA PRO A 255 -3.52 3.78 -14.89
C PRO A 255 -3.81 5.10 -14.20
N GLY A 256 -2.90 5.45 -13.30
CA GLY A 256 -2.91 6.71 -12.57
C GLY A 256 -1.51 7.20 -12.41
N THR A 257 -1.29 8.05 -11.42
CA THR A 257 -0.02 8.76 -11.27
C THR A 257 0.36 8.91 -9.81
N TYR A 258 1.65 8.74 -9.53
CA TYR A 258 2.30 9.22 -8.31
C TYR A 258 3.22 10.35 -8.69
N ASN A 259 3.00 11.51 -8.08
CA ASN A 259 3.90 12.66 -8.25
C ASN A 259 4.63 12.94 -6.96
N PHE A 260 5.86 13.40 -7.07
CA PHE A 260 6.68 13.79 -5.94
C PHE A 260 7.15 15.22 -6.12
N GLY A 261 6.88 16.06 -5.13
CA GLY A 261 7.43 17.41 -5.06
C GLY A 261 6.55 18.44 -5.64
N PHE A 262 5.37 18.15 -6.16
CA PHE A 262 4.50 19.18 -6.72
C PHE A 262 3.09 18.66 -6.71
N ILE A 263 2.14 19.57 -6.81
N ILE A 263 2.14 19.61 -6.66
N ILE A 263 2.14 19.57 -6.81
N ILE A 263 2.14 19.61 -6.66
CA ILE A 263 0.70 19.25 -6.84
CA ILE A 263 0.69 19.39 -6.94
CA ILE A 263 0.70 19.25 -6.85
CA ILE A 263 0.69 19.39 -6.93
C ILE A 263 0.20 19.68 -8.21
C ILE A 263 0.40 19.67 -8.41
C ILE A 263 0.20 19.68 -8.22
C ILE A 263 0.40 19.67 -8.40
N ASP A 264 -0.21 18.70 -9.06
CA ASP A 264 -0.68 18.94 -10.43
C ASP A 264 -2.09 19.48 -10.33
N THR A 265 -2.23 20.81 -10.50
CA THR A 265 -3.55 21.45 -10.32
C THR A 265 -4.46 21.07 -11.48
N THR A 266 -4.02 20.41 -12.52
CA THR A 266 -4.87 19.93 -13.63
C THR A 266 -5.50 18.56 -13.33
N ALA A 267 -5.06 17.91 -12.25
CA ALA A 267 -5.38 16.49 -12.02
C ALA A 267 -6.63 16.33 -11.16
N TYR A 268 -7.25 17.41 -10.68
CA TYR A 268 -8.41 17.30 -9.80
C TYR A 268 -9.38 18.42 -10.10
N THR A 269 -10.60 18.29 -9.63
CA THR A 269 -11.66 19.28 -9.79
C THR A 269 -11.84 19.97 -8.46
N GLY A 270 -12.39 21.18 -8.49
CA GLY A 270 -12.65 21.91 -7.25
C GLY A 270 -11.39 22.21 -6.47
N SER A 271 -11.50 22.20 -5.15
N SER A 271 -11.53 22.22 -5.15
N SER A 271 -11.51 22.19 -5.15
N SER A 271 -11.52 22.22 -5.15
CA SER A 271 -10.37 22.52 -4.26
CA SER A 271 -10.45 22.55 -4.18
CA SER A 271 -10.38 22.51 -4.26
CA SER A 271 -10.44 22.54 -4.20
C SER A 271 -9.94 21.27 -3.47
C SER A 271 -9.93 21.27 -3.53
C SER A 271 -9.94 21.27 -3.47
C SER A 271 -9.94 21.27 -3.52
N ILE A 272 -8.76 21.35 -2.92
CA ILE A 272 -8.22 20.27 -2.07
C ILE A 272 -8.58 20.60 -0.65
N THR A 273 -9.19 19.70 0.10
CA THR A 273 -9.49 19.87 1.51
C THR A 273 -8.43 19.15 2.32
N TYR A 274 -7.71 19.87 3.16
CA TYR A 274 -6.68 19.31 3.99
C TYR A 274 -7.21 18.96 5.35
N THR A 275 -6.67 17.95 5.94
CA THR A 275 -7.11 17.42 7.26
C THR A 275 -5.91 16.97 8.05
N ALA A 276 -6.02 17.01 9.36
CA ALA A 276 -4.90 16.72 10.24
C ALA A 276 -4.47 15.29 10.19
N VAL A 277 -3.21 15.06 10.43
CA VAL A 277 -2.61 13.72 10.48
C VAL A 277 -1.99 13.48 11.85
N SER A 278 -2.20 12.32 12.41
CA SER A 278 -1.40 11.84 13.54
C SER A 278 -0.32 10.92 13.01
N THR A 279 0.93 11.14 13.39
CA THR A 279 2.03 10.24 13.05
C THR A 279 2.37 9.29 14.20
N LYS A 280 1.57 9.29 15.26
CA LYS A 280 1.87 8.52 16.48
C LYS A 280 2.03 7.04 16.21
N GLN A 281 1.31 6.45 15.27
CA GLN A 281 1.46 5.02 14.95
C GLN A 281 2.30 4.82 13.69
N GLY A 282 2.90 5.86 13.13
N GLY A 282 2.89 5.86 13.13
N GLY A 282 2.82 5.92 13.14
N GLY A 282 2.86 5.90 13.14
CA GLY A 282 3.74 5.72 11.93
CA GLY A 282 3.75 5.73 11.93
CA GLY A 282 3.72 5.98 11.96
CA GLY A 282 3.74 5.90 11.95
C GLY A 282 2.99 5.82 10.62
C GLY A 282 2.99 5.83 10.62
C GLY A 282 2.99 5.80 10.65
C GLY A 282 2.99 5.76 10.64
N PHE A 283 1.68 6.00 10.66
CA PHE A 283 0.83 5.97 9.45
C PHE A 283 0.36 7.34 9.12
N TRP A 284 -0.19 7.49 7.91
CA TRP A 284 -0.96 8.68 7.50
C TRP A 284 -2.37 8.54 8.08
N GLU A 285 -2.49 8.79 9.40
CA GLU A 285 -3.70 8.54 10.16
C GLU A 285 -4.46 9.85 10.27
N TRP A 286 -5.73 9.80 9.98
CA TRP A 286 -6.56 10.97 9.93
C TRP A 286 -7.97 10.61 10.40
N THR A 287 -8.84 11.57 10.49
CA THR A 287 -10.23 11.36 10.98
C THR A 287 -11.22 11.85 9.96
N SER A 288 -11.93 10.93 9.34
CA SER A 288 -13.05 11.30 8.46
C SER A 288 -14.20 11.84 9.30
N THR A 289 -14.95 12.73 8.72
CA THR A 289 -16.08 13.38 9.40
C THR A 289 -17.39 12.67 9.22
N GLY A 290 -17.47 11.59 8.46
CA GLY A 290 -18.69 10.78 8.42
C GLY A 290 -18.91 10.15 7.08
N TYR A 291 -20.12 9.67 6.83
CA TYR A 291 -20.36 8.92 5.61
C TYR A 291 -21.80 9.04 5.21
N ALA A 292 -22.08 8.69 3.98
CA ALA A 292 -23.43 8.47 3.48
C ALA A 292 -23.43 7.22 2.62
N VAL A 293 -24.57 6.57 2.53
CA VAL A 293 -24.77 5.40 1.66
C VAL A 293 -25.67 5.80 0.52
N GLY A 294 -25.24 5.69 -0.71
CA GLY A 294 -26.06 6.08 -1.85
C GLY A 294 -26.52 7.50 -1.74
N SER A 295 -27.81 7.72 -1.99
N SER A 295 -27.82 7.72 -1.97
N SER A 295 -27.81 7.72 -1.99
N SER A 295 -27.82 7.71 -1.97
CA SER A 295 -28.44 9.06 -1.94
CA SER A 295 -28.47 9.05 -1.93
CA SER A 295 -28.42 9.07 -1.93
CA SER A 295 -28.51 9.02 -1.94
C SER A 295 -28.94 9.37 -0.53
C SER A 295 -28.83 9.45 -0.49
C SER A 295 -28.93 9.36 -0.53
C SER A 295 -28.83 9.45 -0.50
N GLY A 296 -28.56 8.57 0.48
CA GLY A 296 -28.97 8.77 1.87
C GLY A 296 -28.37 9.99 2.52
N THR A 297 -28.90 10.31 3.70
CA THR A 297 -28.43 11.45 4.48
C THR A 297 -27.00 11.19 4.96
N PHE A 298 -26.23 12.21 5.06
CA PHE A 298 -24.87 12.11 5.60
C PHE A 298 -24.93 11.96 7.10
N LYS A 299 -24.23 11.00 7.65
CA LYS A 299 -24.09 10.75 9.08
C LYS A 299 -22.80 11.40 9.56
N SER A 300 -22.88 12.40 10.40
CA SER A 300 -21.69 13.04 10.98
C SER A 300 -21.15 12.16 12.10
N THR A 301 -19.98 11.61 11.95
CA THR A 301 -19.37 10.74 12.95
C THR A 301 -17.89 10.70 12.66
N SER A 302 -17.07 10.71 13.66
CA SER A 302 -15.60 10.67 13.51
C SER A 302 -15.14 9.28 13.24
N ILE A 303 -14.41 9.05 12.15
CA ILE A 303 -13.87 7.71 11.81
C ILE A 303 -12.37 7.87 11.65
N ASP A 304 -11.64 7.51 12.67
N ASP A 304 -11.63 7.35 12.60
N ASP A 304 -11.63 7.52 12.67
N ASP A 304 -11.63 7.34 12.59
CA ASP A 304 -10.16 7.49 12.55
CA ASP A 304 -10.15 7.43 12.57
CA ASP A 304 -10.16 7.48 12.57
CA ASP A 304 -10.15 7.43 12.59
C ASP A 304 -9.78 6.38 11.57
C ASP A 304 -9.57 6.28 11.76
C ASP A 304 -9.77 6.37 11.58
C ASP A 304 -9.55 6.28 11.76
N GLY A 305 -8.78 6.60 10.74
CA GLY A 305 -8.25 5.54 9.92
C GLY A 305 -7.01 6.00 9.20
N ILE A 306 -6.46 5.11 8.39
CA ILE A 306 -5.20 5.40 7.69
C ILE A 306 -5.44 5.45 6.21
N ALA A 307 -4.69 6.29 5.52
CA ALA A 307 -4.69 6.35 4.05
C ALA A 307 -3.65 5.39 3.59
N ASP A 308 -4.04 4.27 2.96
N ASP A 308 -4.04 4.27 2.96
N ASP A 308 -4.11 4.30 2.99
N ASP A 308 -4.08 4.26 3.03
CA ASP A 308 -3.12 3.13 2.74
CA ASP A 308 -3.12 3.13 2.74
CA ASP A 308 -3.24 3.16 2.66
CA ASP A 308 -3.18 3.13 2.66
C ASP A 308 -3.19 2.59 1.31
C ASP A 308 -3.19 2.58 1.31
C ASP A 308 -3.39 2.82 1.18
C ASP A 308 -3.37 2.80 1.18
N THR A 309 -2.30 3.04 0.46
N THR A 309 -2.30 3.04 0.45
N THR A 309 -2.51 3.34 0.34
N THR A 309 -2.50 3.30 0.33
CA THR A 309 -2.34 2.65 -0.96
CA THR A 309 -2.34 2.64 -0.96
CA THR A 309 -2.49 2.96 -1.07
CA THR A 309 -2.48 2.95 -1.11
C THR A 309 -2.03 1.17 -1.14
C THR A 309 -2.03 1.17 -1.14
C THR A 309 -2.15 1.48 -1.25
C THR A 309 -2.14 1.47 -1.28
N GLY A 310 -1.40 0.54 -0.15
N GLY A 310 -1.40 0.54 -0.15
N GLY A 310 -1.60 0.84 -0.23
N GLY A 310 -1.62 0.83 -0.22
CA GLY A 310 -1.04 -0.89 -0.25
CA GLY A 310 -1.03 -0.88 -0.24
CA GLY A 310 -1.18 -0.57 -0.30
CA GLY A 310 -1.16 -0.58 -0.27
C GLY A 310 -2.13 -1.82 0.20
C GLY A 310 -2.14 -1.82 0.21
C GLY A 310 -2.29 -1.56 0.02
C GLY A 310 -2.27 -1.58 0.06
N THR A 311 -3.30 -1.29 0.51
N THR A 311 -3.30 -1.30 0.52
N THR A 311 -3.38 -1.12 0.64
N THR A 311 -3.37 -1.12 0.63
CA THR A 311 -4.48 -2.12 0.87
CA THR A 311 -4.48 -2.11 0.87
CA THR A 311 -4.58 -1.93 0.92
CA THR A 311 -4.57 -1.94 0.93
C THR A 311 -5.55 -1.90 -0.18
C THR A 311 -5.55 -1.90 -0.18
C THR A 311 -5.53 -1.87 -0.28
C THR A 311 -5.54 -1.87 -0.26
N THR A 312 -6.11 -3.00 -0.69
CA THR A 312 -7.03 -2.94 -1.82
C THR A 312 -8.34 -2.29 -1.44
N LEU A 313 -8.92 -2.71 -0.32
CA LEU A 313 -10.32 -2.41 0.03
C LEU A 313 -10.46 -1.30 1.04
N LEU A 314 -11.70 -0.94 1.34
CA LEU A 314 -12.06 0.07 2.35
C LEU A 314 -12.57 -0.70 3.56
N TYR A 315 -11.86 -0.60 4.68
CA TYR A 315 -12.23 -1.26 5.92
C TYR A 315 -12.68 -0.24 6.95
N LEU A 316 -13.92 -0.38 7.37
CA LEU A 316 -14.59 0.61 8.23
C LEU A 316 -15.29 -0.10 9.37
N PRO A 317 -15.77 0.63 10.37
CA PRO A 317 -16.42 0.00 11.50
C PRO A 317 -17.63 -0.81 11.07
N ALA A 318 -17.94 -1.83 11.85
CA ALA A 318 -18.99 -2.77 11.50
C ALA A 318 -20.32 -2.07 11.37
N THR A 319 -20.60 -1.06 12.15
CA THR A 319 -21.88 -0.31 12.05
C THR A 319 -22.02 0.30 10.68
N VAL A 320 -20.93 0.92 10.21
CA VAL A 320 -20.95 1.64 8.91
C VAL A 320 -21.12 0.63 7.80
N VAL A 321 -20.37 -0.44 7.85
CA VAL A 321 -20.35 -1.45 6.79
C VAL A 321 -21.72 -2.13 6.73
N SER A 322 -22.34 -2.43 7.89
CA SER A 322 -23.67 -3.04 7.90
C SER A 322 -24.67 -2.08 7.25
N ALA A 323 -24.58 -0.81 7.57
CA ALA A 323 -25.51 0.17 6.97
C ALA A 323 -25.36 0.20 5.46
N TYR A 324 -24.15 0.09 4.94
CA TYR A 324 -23.94 0.06 3.49
C TYR A 324 -24.58 -1.18 2.89
N TRP A 325 -24.22 -2.38 3.36
CA TRP A 325 -24.64 -3.60 2.68
C TRP A 325 -26.13 -3.87 2.90
N ALA A 326 -26.74 -3.27 3.91
CA ALA A 326 -28.21 -3.36 4.09
C ALA A 326 -28.93 -2.76 2.91
N GLN A 327 -28.29 -1.92 2.11
CA GLN A 327 -28.95 -1.30 0.93
C GLN A 327 -28.77 -2.16 -0.28
N VAL A 328 -28.22 -3.35 -0.21
CA VAL A 328 -27.98 -4.22 -1.38
C VAL A 328 -28.76 -5.51 -1.11
N SER A 329 -29.81 -5.77 -1.89
N SER A 329 -29.74 -5.79 -1.98
N SER A 329 -29.80 -5.77 -1.90
N SER A 329 -29.74 -5.79 -1.98
CA SER A 329 -30.67 -6.94 -1.67
CA SER A 329 -30.60 -7.00 -1.90
CA SER A 329 -30.66 -6.95 -1.68
CA SER A 329 -30.60 -6.99 -1.87
C SER A 329 -29.80 -8.19 -1.86
C SER A 329 -29.73 -8.25 -1.90
C SER A 329 -29.80 -8.20 -1.86
C SER A 329 -29.74 -8.25 -1.91
N GLY A 330 -29.86 -9.09 -0.88
CA GLY A 330 -29.18 -10.34 -0.88
C GLY A 330 -27.75 -10.26 -0.39
N ALA A 331 -27.23 -9.09 0.00
CA ALA A 331 -25.86 -9.03 0.54
C ALA A 331 -25.85 -9.62 1.93
N LYS A 332 -24.73 -10.24 2.30
CA LYS A 332 -24.60 -10.85 3.60
C LYS A 332 -23.14 -10.98 3.90
N SER A 333 -22.83 -11.05 5.19
CA SER A 333 -21.47 -11.37 5.65
C SER A 333 -21.30 -12.88 5.68
N SER A 334 -20.35 -13.38 4.97
CA SER A 334 -20.05 -14.81 4.86
C SER A 334 -18.75 -15.11 5.64
N SER A 335 -18.86 -15.89 6.71
N SER A 335 -18.90 -15.88 6.71
N SER A 335 -18.85 -15.88 6.71
N SER A 335 -18.91 -15.88 6.71
CA SER A 335 -17.67 -16.33 7.48
CA SER A 335 -17.78 -16.41 7.52
CA SER A 335 -17.65 -16.32 7.47
CA SER A 335 -17.78 -16.40 7.52
C SER A 335 -16.85 -17.30 6.61
C SER A 335 -16.89 -17.29 6.64
C SER A 335 -16.85 -17.30 6.61
C SER A 335 -16.89 -17.29 6.64
N SER A 336 -17.50 -18.08 5.75
CA SER A 336 -16.78 -19.03 4.83
C SER A 336 -15.92 -18.25 3.84
N VAL A 337 -16.42 -17.16 3.28
CA VAL A 337 -15.66 -16.41 2.26
C VAL A 337 -14.70 -15.41 2.91
N GLY A 338 -15.06 -14.90 4.07
CA GLY A 338 -14.27 -13.91 4.81
C GLY A 338 -14.68 -12.48 4.59
N GLY A 339 -15.94 -12.20 4.41
CA GLY A 339 -16.46 -10.85 4.39
C GLY A 339 -17.80 -10.80 3.72
N TYR A 340 -18.23 -9.59 3.49
CA TYR A 340 -19.50 -9.33 2.78
C TYR A 340 -19.38 -9.74 1.32
N VAL A 341 -20.40 -10.45 0.90
CA VAL A 341 -20.63 -10.85 -0.50
C VAL A 341 -22.01 -10.37 -0.89
N PHE A 342 -22.21 -10.29 -2.18
CA PHE A 342 -23.48 -9.77 -2.70
C PHE A 342 -23.75 -10.45 -4.02
N PRO A 343 -25.02 -10.46 -4.47
CA PRO A 343 -25.32 -11.06 -5.77
C PRO A 343 -24.66 -10.29 -6.88
N CYS A 344 -24.00 -11.03 -7.78
CA CYS A 344 -23.35 -10.36 -8.90
C CYS A 344 -24.35 -9.61 -9.80
N SER A 345 -25.61 -9.94 -9.70
CA SER A 345 -26.65 -9.21 -10.46
C SER A 345 -26.99 -7.87 -9.86
N ALA A 346 -26.46 -7.50 -8.70
CA ALA A 346 -26.83 -6.24 -8.05
C ALA A 346 -26.17 -5.08 -8.74
N THR A 347 -26.82 -3.92 -8.62
CA THR A 347 -26.23 -2.60 -8.85
C THR A 347 -25.93 -2.00 -7.50
N LEU A 348 -24.69 -1.67 -7.22
CA LEU A 348 -24.28 -1.19 -5.88
C LEU A 348 -24.51 0.29 -5.74
N PRO A 349 -24.88 0.73 -4.55
CA PRO A 349 -24.93 2.16 -4.26
C PRO A 349 -23.54 2.75 -4.07
N SER A 350 -23.45 4.05 -4.27
CA SER A 350 -22.22 4.77 -3.93
C SER A 350 -21.99 4.80 -2.42
N PHE A 351 -20.82 5.21 -2.03
CA PHE A 351 -20.47 5.45 -0.64
C PHE A 351 -19.73 6.74 -0.55
N THR A 352 -20.17 7.64 0.31
CA THR A 352 -19.53 8.95 0.49
C THR A 352 -18.79 8.97 1.80
N PHE A 353 -17.58 9.49 1.84
CA PHE A 353 -16.89 9.75 3.11
C PHE A 353 -16.57 11.24 3.22
N GLY A 354 -16.57 11.72 4.46
CA GLY A 354 -16.28 13.13 4.73
C GLY A 354 -14.81 13.38 4.96
N VAL A 355 -14.36 14.51 4.43
CA VAL A 355 -13.03 15.10 4.68
C VAL A 355 -13.33 16.53 5.11
N GLY A 356 -13.26 16.78 6.41
CA GLY A 356 -13.74 18.08 6.90
C GLY A 356 -15.16 18.28 6.41
N SER A 357 -15.46 19.46 5.88
N SER A 357 -15.44 19.46 5.86
N SER A 357 -15.48 19.46 5.88
N SER A 357 -15.42 19.46 5.86
CA SER A 357 -16.79 19.79 5.32
CA SER A 357 -16.76 19.81 5.33
CA SER A 357 -16.81 19.76 5.32
CA SER A 357 -16.74 19.85 5.31
C SER A 357 -16.95 19.27 3.89
C SER A 357 -16.94 19.27 3.90
C SER A 357 -16.95 19.26 3.89
C SER A 357 -16.95 19.26 3.91
N ALA A 358 -15.90 18.69 3.32
CA ALA A 358 -15.96 18.19 1.94
C ALA A 358 -16.40 16.72 1.92
N ARG A 359 -16.70 16.26 0.76
CA ARG A 359 -17.26 14.89 0.58
C ARG A 359 -16.57 14.25 -0.61
N ILE A 360 -16.16 13.00 -0.46
CA ILE A 360 -15.62 12.20 -1.60
C ILE A 360 -16.63 11.08 -1.86
N VAL A 361 -17.06 10.97 -3.07
CA VAL A 361 -18.03 9.95 -3.45
C VAL A 361 -17.33 8.81 -4.16
N ILE A 362 -17.47 7.60 -3.61
CA ILE A 362 -17.00 6.36 -4.24
C ILE A 362 -18.15 5.80 -5.05
N PRO A 363 -18.08 5.75 -6.39
CA PRO A 363 -19.15 5.17 -7.17
C PRO A 363 -19.34 3.72 -6.79
N GLY A 364 -20.59 3.25 -6.91
CA GLY A 364 -20.93 1.86 -6.60
C GLY A 364 -20.07 0.87 -7.34
N ASP A 365 -19.72 1.13 -8.60
N ASP A 365 -19.79 1.16 -8.61
N ASP A 365 -19.73 1.13 -8.59
N ASP A 365 -19.79 1.16 -8.61
CA ASP A 365 -18.96 0.10 -9.34
CA ASP A 365 -18.93 0.30 -9.46
CA ASP A 365 -18.97 0.11 -9.34
CA ASP A 365 -18.94 0.32 -9.48
C ASP A 365 -17.55 -0.07 -8.75
C ASP A 365 -17.66 -0.06 -8.73
C ASP A 365 -17.56 -0.07 -8.77
C ASP A 365 -17.65 -0.06 -8.73
N TYR A 366 -17.04 0.92 -8.06
CA TYR A 366 -15.71 0.78 -7.41
C TYR A 366 -15.75 -0.26 -6.32
N ILE A 367 -16.94 -0.61 -5.82
CA ILE A 367 -17.10 -1.48 -4.63
C ILE A 367 -17.31 -2.92 -5.09
N ASP A 368 -17.22 -3.18 -6.40
N ASP A 368 -17.52 -3.21 -6.38
CA ASP A 368 -17.40 -4.53 -6.95
CA ASP A 368 -17.71 -4.59 -6.88
C ASP A 368 -16.04 -5.16 -7.15
C ASP A 368 -16.35 -5.24 -7.22
N PHE A 369 -15.86 -6.26 -6.44
CA PHE A 369 -14.62 -7.00 -6.65
C PHE A 369 -14.88 -8.34 -7.31
N GLY A 370 -16.02 -8.53 -7.92
CA GLY A 370 -16.26 -9.63 -8.84
C GLY A 370 -16.48 -10.94 -8.12
N PRO A 371 -16.65 -12.01 -8.91
CA PRO A 371 -16.99 -13.32 -8.35
C PRO A 371 -16.03 -13.80 -7.28
N ILE A 372 -16.52 -14.45 -6.29
CA ILE A 372 -15.66 -14.94 -5.19
C ILE A 372 -14.74 -16.03 -5.69
N SER A 373 -15.18 -16.78 -6.67
CA SER A 373 -14.43 -17.85 -7.35
C SER A 373 -14.86 -17.79 -8.76
N THR A 374 -14.04 -18.30 -9.66
CA THR A 374 -14.34 -18.18 -11.03
C THR A 374 -15.73 -18.75 -11.41
N GLY A 375 -16.60 -18.02 -12.06
CA GLY A 375 -17.93 -18.46 -12.50
C GLY A 375 -19.05 -18.33 -11.46
N SER A 376 -18.69 -17.94 -10.23
CA SER A 376 -19.67 -17.78 -9.14
C SER A 376 -20.59 -16.60 -9.42
N SER A 377 -21.82 -16.69 -8.99
CA SER A 377 -22.74 -15.53 -8.97
C SER A 377 -22.73 -14.79 -7.66
N SER A 378 -21.87 -15.15 -6.72
N SER A 378 -21.82 -15.12 -6.74
N SER A 378 -21.87 -15.15 -6.73
N SER A 378 -21.82 -15.13 -6.74
CA SER A 378 -21.62 -14.34 -5.51
CA SER A 378 -21.58 -14.39 -5.48
CA SER A 378 -21.61 -14.35 -5.51
CA SER A 378 -21.58 -14.39 -5.48
C SER A 378 -20.38 -13.51 -5.76
C SER A 378 -20.34 -13.52 -5.66
C SER A 378 -20.38 -13.51 -5.76
C SER A 378 -20.34 -13.52 -5.66
N CYS A 379 -20.49 -12.22 -5.49
CA CYS A 379 -19.44 -11.24 -5.73
C CYS A 379 -18.92 -10.70 -4.40
N PHE A 380 -17.65 -10.38 -4.38
CA PHE A 380 -16.99 -9.91 -3.15
C PHE A 380 -17.11 -8.40 -3.03
N GLY A 381 -17.47 -7.92 -1.86
CA GLY A 381 -17.61 -6.49 -1.65
C GLY A 381 -16.30 -5.74 -1.40
N GLY A 382 -16.28 -4.50 -1.83
CA GLY A 382 -15.13 -3.64 -1.65
C GLY A 382 -15.09 -2.84 -0.38
N ILE A 383 -16.16 -2.88 0.38
CA ILE A 383 -16.26 -2.26 1.70
C ILE A 383 -16.43 -3.42 2.68
N GLN A 384 -15.56 -3.51 3.65
CA GLN A 384 -15.50 -4.62 4.60
C GLN A 384 -15.30 -4.10 6.00
N SER A 385 -15.66 -4.92 6.97
CA SER A 385 -15.49 -4.49 8.37
C SER A 385 -14.03 -4.50 8.79
N SER A 386 -13.65 -3.49 9.53
CA SER A 386 -12.33 -3.40 10.18
C SER A 386 -12.31 -4.07 11.54
N ALA A 387 -13.37 -4.73 11.96
N ALA A 387 -13.42 -4.57 12.05
N ALA A 387 -13.40 -4.70 11.98
N ALA A 387 -13.45 -4.57 12.03
CA ALA A 387 -13.40 -5.35 13.30
CA ALA A 387 -13.52 -4.91 13.48
CA ALA A 387 -13.45 -5.34 13.31
CA ALA A 387 -13.59 -5.21 13.36
C ALA A 387 -12.37 -6.47 13.35
C ALA A 387 -12.48 -5.97 13.90
C ALA A 387 -12.41 -6.46 13.36
C ALA A 387 -12.30 -5.90 13.80
N GLY A 388 -11.49 -6.39 14.32
N GLY A 388 -11.95 -6.80 13.00
N GLY A 388 -11.48 -6.36 14.30
N GLY A 388 -11.85 -6.89 13.03
CA GLY A 388 -10.40 -7.36 14.52
CA GLY A 388 -10.93 -7.82 13.34
CA GLY A 388 -10.41 -7.35 14.50
CA GLY A 388 -10.74 -7.80 13.41
C GLY A 388 -9.13 -6.93 13.82
C GLY A 388 -9.51 -7.35 13.05
C GLY A 388 -9.15 -6.97 13.74
C GLY A 388 -9.39 -7.32 12.91
N ILE A 389 -9.16 -5.89 12.98
N ILE A 389 -9.32 -6.06 12.74
N ILE A 389 -9.18 -5.88 12.96
N ILE A 389 -9.22 -5.99 12.79
CA ILE A 389 -7.93 -5.30 12.38
CA ILE A 389 -8.01 -5.41 12.36
CA ILE A 389 -7.94 -5.29 12.37
CA ILE A 389 -7.95 -5.33 12.34
C ILE A 389 -7.32 -4.36 13.40
C ILE A 389 -7.40 -4.52 13.45
C ILE A 389 -7.32 -4.36 13.40
C ILE A 389 -7.36 -4.46 13.45
N GLY A 390 -8.18 -3.67 14.16
CA GLY A 390 -7.73 -2.72 15.16
C GLY A 390 -7.53 -1.34 14.60
N ILE A 391 -7.77 -1.14 13.27
CA ILE A 391 -7.71 0.19 12.62
C ILE A 391 -8.62 0.18 11.38
N ASN A 392 -9.18 1.33 11.12
CA ASN A 392 -9.91 1.55 9.86
C ASN A 392 -8.91 1.86 8.77
N ILE A 393 -9.21 1.42 7.57
N ILE A 393 -9.21 1.42 7.57
N ILE A 393 -9.07 1.25 7.60
N ILE A 393 -9.09 1.28 7.59
CA ILE A 393 -8.25 1.57 6.46
CA ILE A 393 -8.25 1.57 6.46
CA ILE A 393 -8.09 1.43 6.49
CA ILE A 393 -8.12 1.45 6.46
C ILE A 393 -8.96 2.12 5.25
C ILE A 393 -8.96 2.12 5.25
C ILE A 393 -8.81 2.04 5.27
C ILE A 393 -8.84 2.06 5.24
N PHE A 394 -8.51 3.30 4.87
CA PHE A 394 -8.95 3.90 3.60
C PHE A 394 -7.96 3.40 2.54
N GLY A 395 -8.24 2.24 2.01
CA GLY A 395 -7.43 1.60 0.98
C GLY A 395 -7.84 2.11 -0.40
N ASP A 396 -7.40 1.38 -1.41
CA ASP A 396 -7.51 1.85 -2.80
C ASP A 396 -8.95 2.15 -3.20
N VAL A 397 -9.92 1.36 -2.75
CA VAL A 397 -11.34 1.63 -3.08
C VAL A 397 -11.68 3.06 -2.76
N ALA A 398 -11.27 3.55 -1.63
CA ALA A 398 -11.50 4.95 -1.26
C ALA A 398 -10.58 5.92 -1.96
N LEU A 399 -9.28 5.63 -1.96
CA LEU A 399 -8.30 6.60 -2.44
C LEU A 399 -8.45 6.82 -3.92
N LYS A 400 -8.85 5.79 -4.69
N LYS A 400 -8.87 5.82 -4.70
N LYS A 400 -8.84 5.78 -4.69
N LYS A 400 -8.87 5.82 -4.70
CA LYS A 400 -8.93 5.93 -6.16
CA LYS A 400 -8.90 6.00 -6.17
CA LYS A 400 -8.93 5.93 -6.16
CA LYS A 400 -8.90 6.00 -6.16
C LYS A 400 -10.07 6.88 -6.54
C LYS A 400 -10.11 6.85 -6.58
C LYS A 400 -10.07 6.88 -6.54
C LYS A 400 -10.11 6.85 -6.58
N ALA A 401 -11.01 7.17 -5.63
CA ALA A 401 -12.08 8.16 -5.90
C ALA A 401 -11.58 9.58 -5.71
N ALA A 402 -10.34 9.80 -5.32
CA ALA A 402 -9.86 11.13 -4.99
C ALA A 402 -8.47 11.34 -5.59
N PHE A 403 -8.11 12.62 -5.62
CA PHE A 403 -6.71 13.05 -5.76
C PHE A 403 -6.20 13.31 -4.35
N VAL A 404 -5.18 12.61 -3.91
CA VAL A 404 -4.79 12.58 -2.50
C VAL A 404 -3.40 13.17 -2.37
N VAL A 405 -3.27 14.18 -1.51
CA VAL A 405 -2.00 14.84 -1.20
C VAL A 405 -1.46 14.35 0.12
N PHE A 406 -0.27 13.80 0.10
CA PHE A 406 0.46 13.36 1.30
C PHE A 406 1.47 14.46 1.57
N ASN A 407 1.09 15.36 2.48
CA ASN A 407 1.91 16.56 2.78
C ASN A 407 2.86 16.25 3.92
N GLY A 408 4.14 16.12 3.58
CA GLY A 408 5.23 15.81 4.51
C GLY A 408 5.93 17.01 5.06
N ALA A 409 5.29 18.13 5.14
CA ALA A 409 5.82 19.28 5.89
C ALA A 409 5.99 18.92 7.37
N THR A 410 6.69 19.82 8.09
CA THR A 410 7.10 19.50 9.48
C THR A 410 5.88 19.04 10.29
N THR A 411 4.74 19.67 10.07
CA THR A 411 3.46 19.09 10.53
C THR A 411 2.71 18.51 9.32
N PRO A 412 2.73 17.18 9.22
CA PRO A 412 2.10 16.54 8.06
C PRO A 412 0.61 16.75 8.04
N THR A 413 0.04 16.76 6.85
CA THR A 413 -1.41 16.77 6.67
C THR A 413 -1.74 15.91 5.44
N LEU A 414 -3.00 15.49 5.33
N LEU A 414 -3.03 15.79 5.19
N LEU A 414 -3.00 15.49 5.33
N LEU A 414 -3.03 15.79 5.19
CA LEU A 414 -3.52 14.88 4.09
CA LEU A 414 -3.54 14.92 4.13
CA LEU A 414 -3.53 14.87 4.08
CA LEU A 414 -3.54 14.92 4.13
C LEU A 414 -4.45 15.86 3.39
C LEU A 414 -4.65 15.66 3.36
C LEU A 414 -4.45 15.85 3.39
C LEU A 414 -4.65 15.66 3.36
N GLY A 415 -4.47 15.83 2.06
CA GLY A 415 -5.44 16.55 1.28
C GLY A 415 -6.22 15.65 0.39
N PHE A 416 -7.51 15.90 0.23
CA PHE A 416 -8.35 15.16 -0.71
C PHE A 416 -9.08 16.09 -1.61
N ALA A 417 -9.11 15.80 -2.88
CA ALA A 417 -9.91 16.52 -3.87
C ALA A 417 -10.69 15.49 -4.68
N SER A 418 -11.88 15.85 -5.12
N SER A 418 -11.86 15.89 -5.16
CA SER A 418 -12.57 15.06 -6.15
CA SER A 418 -12.59 15.16 -6.22
C SER A 418 -11.84 15.21 -7.48
C SER A 418 -11.80 15.23 -7.52
N LYS A 419 -12.14 14.34 -8.45
CA LYS A 419 -11.46 14.35 -9.76
C LYS A 419 -12.35 13.77 -10.84
#